data_9JWO
#
_entry.id   9JWO
#
_cell.length_a   67.948
_cell.length_b   137.073
_cell.length_c   37.082
_cell.angle_alpha   90.000
_cell.angle_beta   90.000
_cell.angle_gamma   90.000
#
_symmetry.space_group_name_H-M   'P 21 21 2'
#
loop_
_entity.id
_entity.type
_entity.pdbx_description
1 polymer MSD1-apo
2 non-polymer 'CITRIC ACID'
3 water water
#
_entity_poly.entity_id   1
_entity_poly.type   'polypeptide(L)'
_entity_poly.pdbx_seq_one_letter_code
;AAKYAVVLKTLTDPFWVNMKKGIEDEAKKLGVSVDIFAAASEGDAEAQKSLFESLSNKNYKGIAFAPLTKDNLVEPVAAA
WKKGTYLVNLDEKIDMKKLKAAGGAVEAFVTTDNVQVGAQGAGYIVQKLGAQGGEVAIIEGEAGNASGEARRTGATDQFA
KASNIKLVASQPADWDRTKAKQVATEILAKNPNIKAIYCANDTMALGVADAVADAGKTGKVLVVGTDGIPEAQEAVKAGK
MTATVAQNPAAIGATGLKLMVDAEKKGKVIPLDKAPQYVLVASKLVTA
;
_entity_poly.pdbx_strand_id   A
#
loop_
_chem_comp.id
_chem_comp.type
_chem_comp.name
_chem_comp.formula
CIT non-polymer 'CITRIC ACID' 'C6 H8 O7'
#
# COMPACT_ATOMS: atom_id res chain seq x y z
N ALA A 1 9.03 31.45 -1.72
CA ALA A 1 9.89 30.34 -1.33
C ALA A 1 9.03 29.21 -0.76
N ALA A 2 9.60 28.01 -0.60
CA ALA A 2 8.82 26.85 -0.19
C ALA A 2 8.80 26.74 1.33
N LYS A 3 7.61 26.83 1.92
CA LYS A 3 7.43 26.51 3.33
C LYS A 3 7.42 25.02 3.60
N TYR A 4 7.32 24.18 2.57
CA TYR A 4 7.09 22.75 2.73
C TYR A 4 8.07 21.94 1.90
N ALA A 5 8.51 20.82 2.49
CA ALA A 5 9.37 19.88 1.80
C ALA A 5 8.78 18.48 1.97
N VAL A 6 9.06 17.63 0.99
CA VAL A 6 8.70 16.22 1.07
C VAL A 6 9.93 15.40 0.71
N VAL A 7 10.22 14.37 1.52
CA VAL A 7 11.29 13.43 1.23
C VAL A 7 10.64 12.10 0.87
N LEU A 8 10.76 11.73 -0.39
CA LEU A 8 10.20 10.48 -0.88
C LEU A 8 11.28 9.41 -0.94
N LYS A 9 10.86 8.20 -1.31
CA LYS A 9 11.85 7.24 -1.75
C LYS A 9 12.22 7.52 -3.19
N THR A 10 13.21 6.78 -3.69
CA THR A 10 13.75 7.06 -5.01
C THR A 10 12.67 6.98 -6.08
N LEU A 11 12.69 7.95 -6.99
CA LEU A 11 11.67 8.07 -8.04
C LEU A 11 11.87 7.08 -9.17
N THR A 12 12.23 5.82 -8.86
CA THR A 12 12.52 4.82 -9.87
C THR A 12 11.37 3.88 -10.17
N ASP A 13 10.25 3.99 -9.47
CA ASP A 13 9.09 3.21 -9.89
C ASP A 13 7.86 4.09 -9.82
N PRO A 14 6.77 3.70 -10.49
CA PRO A 14 5.62 4.61 -10.63
C PRO A 14 5.02 5.07 -9.32
N PHE A 15 5.10 4.26 -8.26
CA PHE A 15 4.47 4.63 -6.99
C PHE A 15 4.99 5.97 -6.50
N TRP A 16 6.31 6.15 -6.49
CA TRP A 16 6.87 7.37 -5.95
C TRP A 16 6.77 8.53 -6.94
N VAL A 17 6.86 8.24 -8.24
CA VAL A 17 6.53 9.23 -9.26
C VAL A 17 5.10 9.72 -9.10
N ASN A 18 4.17 8.79 -8.87
CA ASN A 18 2.77 9.19 -8.74
C ASN A 18 2.53 9.95 -7.45
N MET A 19 3.23 9.59 -6.37
CA MET A 19 3.10 10.37 -5.16
C MET A 19 3.59 11.80 -5.37
N LYS A 20 4.73 11.94 -6.05
CA LYS A 20 5.26 13.26 -6.37
C LYS A 20 4.24 14.07 -7.18
N LYS A 21 3.67 13.46 -8.22
CA LYS A 21 2.65 14.16 -9.02
C LYS A 21 1.44 14.55 -8.19
N GLY A 22 1.02 13.69 -7.26
CA GLY A 22 -0.10 14.03 -6.40
C GLY A 22 0.20 15.20 -5.47
N ILE A 23 1.44 15.27 -4.97
CA ILE A 23 1.84 16.40 -4.16
C ILE A 23 1.84 17.66 -5.00
N GLU A 24 2.41 17.58 -6.21
CA GLU A 24 2.44 18.75 -7.09
C GLU A 24 1.03 19.22 -7.43
N ASP A 25 0.12 18.28 -7.67
CA ASP A 25 -1.27 18.67 -7.98
C ASP A 25 -1.93 19.31 -6.78
N GLU A 26 -1.69 18.77 -5.59
CA GLU A 26 -2.24 19.36 -4.37
C GLU A 26 -1.64 20.73 -4.11
N ALA A 27 -0.34 20.91 -4.40
CA ALA A 27 0.30 22.21 -4.24
C ALA A 27 -0.33 23.24 -5.16
N LYS A 28 -0.66 22.85 -6.39
CA LYS A 28 -1.37 23.74 -7.29
C LYS A 28 -2.74 24.11 -6.72
N LYS A 29 -3.46 23.10 -6.24
CA LYS A 29 -4.81 23.31 -5.70
C LYS A 29 -4.77 24.23 -4.48
N LEU A 30 -3.82 24.01 -3.58
CA LEU A 30 -3.68 24.83 -2.39
C LEU A 30 -2.94 26.12 -2.64
N GLY A 31 -2.23 26.23 -3.76
CA GLY A 31 -1.47 27.43 -4.08
C GLY A 31 -0.27 27.62 -3.17
N VAL A 32 0.51 26.57 -2.96
CA VAL A 32 1.70 26.62 -2.11
C VAL A 32 2.89 26.07 -2.86
N SER A 33 4.07 26.53 -2.47
CA SER A 33 5.34 26.03 -3.00
C SER A 33 5.81 24.87 -2.14
N VAL A 34 6.22 23.79 -2.78
CA VAL A 34 6.72 22.64 -2.06
C VAL A 34 7.94 22.09 -2.80
N ASP A 35 8.96 21.72 -2.04
CA ASP A 35 10.15 21.10 -2.59
C ASP A 35 10.09 19.61 -2.30
N ILE A 36 10.26 18.80 -3.35
CA ILE A 36 10.10 17.36 -3.28
C ILE A 36 11.45 16.73 -3.58
N PHE A 37 11.98 15.98 -2.63
CA PHE A 37 13.30 15.40 -2.72
C PHE A 37 13.22 13.88 -2.71
N ALA A 38 14.13 13.25 -3.45
CA ALA A 38 14.34 11.82 -3.36
C ALA A 38 15.82 11.56 -3.63
N ALA A 39 16.37 10.55 -2.96
CA ALA A 39 17.75 10.19 -3.19
C ALA A 39 17.90 9.51 -4.54
N ALA A 40 19.05 9.74 -5.19
CA ALA A 40 19.32 9.07 -6.46
C ALA A 40 19.67 7.60 -6.24
N SER A 41 20.29 7.29 -5.10
CA SER A 41 20.68 5.93 -4.77
C SER A 41 19.47 5.19 -4.19
N GLU A 42 18.90 4.28 -4.97
CA GLU A 42 17.71 3.54 -4.54
C GLU A 42 18.08 2.46 -3.51
N GLY A 43 17.14 2.19 -2.61
CA GLY A 43 17.37 1.18 -1.59
C GLY A 43 18.51 1.51 -0.64
N ASP A 44 18.80 2.80 -0.44
CA ASP A 44 19.99 3.28 0.25
C ASP A 44 19.57 4.09 1.47
N ALA A 45 19.57 3.45 2.65
CA ALA A 45 19.06 4.08 3.86
C ALA A 45 19.82 5.36 4.20
N GLU A 46 21.16 5.33 4.14
CA GLU A 46 21.94 6.48 4.59
C GLU A 46 21.82 7.65 3.61
N ALA A 47 21.73 7.34 2.32
CA ALA A 47 21.52 8.41 1.35
C ALA A 47 20.24 9.19 1.66
N GLN A 48 19.17 8.48 1.98
CA GLN A 48 17.93 9.20 2.31
C GLN A 48 18.08 9.97 3.61
N LYS A 49 18.74 9.38 4.61
CA LYS A 49 18.99 10.08 5.85
C LYS A 49 19.80 11.35 5.62
N SER A 50 20.86 11.26 4.82
CA SER A 50 21.68 12.43 4.49
C SER A 50 20.87 13.48 3.75
N LEU A 51 20.05 13.04 2.78
CA LEU A 51 19.17 13.96 2.08
C LEU A 51 18.28 14.70 3.07
N PHE A 52 17.63 13.97 3.98
CA PHE A 52 16.80 14.62 4.99
C PHE A 52 17.62 15.62 5.79
N GLU A 53 18.79 15.20 6.27
CA GLU A 53 19.62 16.09 7.09
C GLU A 53 20.01 17.37 6.35
N SER A 54 20.21 17.30 5.03
CA SER A 54 20.58 18.48 4.26
C SER A 54 19.51 19.57 4.27
N LEU A 55 18.29 19.26 4.70
CA LEU A 55 17.22 20.25 4.81
C LEU A 55 17.22 20.98 6.15
N SER A 56 18.11 20.62 7.06
CA SER A 56 18.06 21.17 8.42
C SER A 56 18.29 22.67 8.42
N ASN A 57 19.12 23.17 7.51
CA ASN A 57 19.44 24.60 7.48
C ASN A 57 18.42 25.40 6.68
N LYS A 58 17.64 24.75 5.82
CA LYS A 58 16.52 25.44 5.19
C LYS A 58 15.45 25.69 6.26
N ASN A 59 14.44 26.45 5.90
CA ASN A 59 13.50 26.91 6.93
C ASN A 59 12.11 26.36 6.69
N TYR A 60 12.02 25.08 6.33
CA TYR A 60 10.72 24.49 6.07
C TYR A 60 9.86 24.52 7.33
N LYS A 61 8.60 24.93 7.16
CA LYS A 61 7.63 24.87 8.24
C LYS A 61 7.13 23.46 8.43
N GLY A 62 7.01 22.72 7.33
CA GLY A 62 6.58 21.33 7.39
C GLY A 62 7.42 20.48 6.46
N ILE A 63 7.69 19.26 6.90
CA ILE A 63 8.36 18.25 6.09
C ILE A 63 7.55 16.96 6.20
N ALA A 64 7.15 16.42 5.06
CA ALA A 64 6.58 15.09 5.02
C ALA A 64 7.64 14.13 4.48
N PHE A 65 7.60 12.88 4.96
CA PHE A 65 8.67 11.96 4.60
C PHE A 65 8.13 10.54 4.54
N ALA A 66 8.61 9.79 3.56
CA ALA A 66 8.35 8.35 3.44
C ALA A 66 9.67 7.62 3.71
N PRO A 67 9.86 7.06 4.90
CA PRO A 67 11.18 6.51 5.24
C PRO A 67 11.44 5.20 4.51
N LEU A 68 12.71 4.99 4.17
CA LEU A 68 13.09 3.72 3.55
C LEU A 68 12.96 2.56 4.53
N THR A 69 13.32 2.79 5.78
CA THR A 69 13.18 1.81 6.85
C THR A 69 12.54 2.50 8.04
N LYS A 70 12.06 1.72 9.02
CA LYS A 70 11.48 2.36 10.19
C LYS A 70 12.52 3.13 11.01
N ASP A 71 13.80 2.85 10.81
CA ASP A 71 14.87 3.39 11.65
C ASP A 71 15.64 4.54 11.00
N ASN A 72 15.73 4.60 9.68
CA ASN A 72 16.82 5.37 9.10
C ASN A 72 16.62 6.88 9.21
N LEU A 73 15.38 7.35 9.39
CA LEU A 73 15.12 8.79 9.47
C LEU A 73 14.86 9.27 10.90
N VAL A 74 15.02 8.40 11.90
CA VAL A 74 14.70 8.74 13.29
C VAL A 74 15.46 9.98 13.74
N GLU A 75 16.78 10.00 13.50
CA GLU A 75 17.58 11.11 14.00
C GLU A 75 17.23 12.43 13.32
N PRO A 76 17.19 12.52 11.98
CA PRO A 76 16.80 13.81 11.37
C PRO A 76 15.36 14.23 11.67
N VAL A 77 14.42 13.28 11.78
CA VAL A 77 13.06 13.64 12.18
C VAL A 77 13.04 14.20 13.59
N ALA A 78 13.77 13.56 14.52
CA ALA A 78 13.86 14.08 15.87
C ALA A 78 14.44 15.49 15.88
N ALA A 79 15.54 15.70 15.15
CA ALA A 79 16.13 17.04 15.10
C ALA A 79 15.14 18.05 14.51
N ALA A 80 14.35 17.62 13.53
CA ALA A 80 13.37 18.53 12.92
C ALA A 80 12.24 18.85 13.89
N TRP A 81 11.75 17.84 14.62
CA TRP A 81 10.68 18.09 15.58
C TRP A 81 11.13 19.09 16.64
N LYS A 82 12.39 18.96 17.07
CA LYS A 82 12.92 19.85 18.10
C LYS A 82 13.07 21.28 17.60
N LYS A 83 13.24 21.46 16.28
CA LYS A 83 13.28 22.81 15.70
C LYS A 83 11.89 23.39 15.49
N GLY A 84 10.83 22.63 15.79
CA GLY A 84 9.47 23.07 15.57
C GLY A 84 8.89 22.75 14.20
N THR A 85 9.55 21.90 13.41
CA THR A 85 9.04 21.56 12.09
C THR A 85 7.80 20.67 12.22
N TYR A 86 6.77 20.99 11.44
CA TYR A 86 5.60 20.12 11.38
C TYR A 86 5.94 18.91 10.52
N LEU A 87 5.72 17.72 11.05
CA LEU A 87 6.24 16.49 10.46
C LEU A 87 5.11 15.54 10.10
N VAL A 88 5.10 15.06 8.87
CA VAL A 88 4.10 14.10 8.43
C VAL A 88 4.83 12.87 7.92
N ASN A 89 4.60 11.74 8.60
CA ASN A 89 5.10 10.43 8.20
C ASN A 89 4.18 9.88 7.11
N LEU A 90 4.76 9.53 5.96
CA LEU A 90 4.01 8.96 4.84
C LEU A 90 4.36 7.49 4.69
N ASP A 91 3.37 6.69 4.30
CA ASP A 91 3.58 5.31 3.86
C ASP A 91 4.01 4.38 4.99
N GLU A 92 5.31 4.14 5.16
CA GLU A 92 5.79 3.20 6.17
C GLU A 92 6.00 3.93 7.48
N LYS A 93 5.51 3.36 8.58
CA LYS A 93 5.55 4.04 9.88
C LYS A 93 6.98 4.11 10.42
N ILE A 94 7.39 5.30 10.85
CA ILE A 94 8.69 5.43 11.49
C ILE A 94 8.64 4.74 12.85
N ASP A 95 9.78 4.24 13.29
CA ASP A 95 9.88 3.63 14.62
C ASP A 95 9.57 4.68 15.68
N MET A 96 8.33 4.67 16.18
CA MET A 96 7.90 5.72 17.09
C MET A 96 8.59 5.60 18.45
N LYS A 97 8.85 4.38 18.90
CA LYS A 97 9.56 4.20 20.15
C LYS A 97 10.95 4.81 20.10
N LYS A 98 11.71 4.53 19.04
CA LYS A 98 13.03 5.13 18.89
C LYS A 98 12.94 6.63 18.66
N LEU A 99 11.95 7.09 17.91
CA LEU A 99 11.78 8.52 17.68
C LEU A 99 11.52 9.25 19.00
N LYS A 100 10.61 8.71 19.81
CA LYS A 100 10.36 9.29 21.13
C LYS A 100 11.63 9.30 21.97
N ALA A 101 12.33 8.15 22.04
CA ALA A 101 13.57 8.08 22.78
C ALA A 101 14.63 9.04 22.27
N ALA A 102 14.51 9.50 21.03
CA ALA A 102 15.40 10.52 20.49
C ALA A 102 14.89 11.92 20.74
N GLY A 103 13.80 12.07 21.49
CA GLY A 103 13.27 13.38 21.80
C GLY A 103 12.43 13.99 20.70
N GLY A 104 11.88 13.18 19.80
CA GLY A 104 11.08 13.69 18.70
C GLY A 104 9.72 13.03 18.64
N ALA A 105 8.92 13.52 17.70
CA ALA A 105 7.59 12.99 17.43
C ALA A 105 7.26 13.33 15.98
N VAL A 106 6.08 12.91 15.53
CA VAL A 106 5.51 13.43 14.30
C VAL A 106 4.07 13.85 14.61
N GLU A 107 3.57 14.75 13.79
CA GLU A 107 2.21 15.23 13.97
C GLU A 107 1.17 14.37 13.24
N ALA A 108 1.55 13.71 12.15
CA ALA A 108 0.57 12.89 11.43
C ALA A 108 1.30 11.75 10.75
N PHE A 109 0.53 10.68 10.50
CA PHE A 109 0.95 9.50 9.74
C PHE A 109 -0.13 9.23 8.72
N VAL A 110 0.23 9.26 7.44
CA VAL A 110 -0.69 8.99 6.34
C VAL A 110 -0.26 7.69 5.68
N THR A 111 -1.18 6.74 5.56
CA THR A 111 -0.78 5.45 5.01
C THR A 111 -1.99 4.75 4.42
N THR A 112 -1.76 3.60 3.80
CA THR A 112 -2.81 2.69 3.37
C THR A 112 -3.00 1.63 4.44
N ASP A 113 -4.25 1.36 4.81
CA ASP A 113 -4.58 0.35 5.81
C ASP A 113 -4.66 -1.00 5.09
N ASN A 114 -3.73 -1.90 5.39
CA ASN A 114 -3.69 -3.18 4.68
C ASN A 114 -4.86 -4.09 5.06
N VAL A 115 -5.49 -3.89 6.24
CA VAL A 115 -6.72 -4.61 6.52
C VAL A 115 -7.80 -4.18 5.54
N GLN A 116 -7.90 -2.88 5.29
CA GLN A 116 -8.88 -2.37 4.34
C GLN A 116 -8.53 -2.81 2.92
N VAL A 117 -7.24 -2.96 2.62
CA VAL A 117 -6.83 -3.49 1.32
C VAL A 117 -7.44 -4.89 1.10
N GLY A 118 -7.26 -5.77 2.08
CA GLY A 118 -7.83 -7.11 1.93
C GLY A 118 -9.34 -7.09 1.90
N ALA A 119 -9.96 -6.26 2.74
CA ALA A 119 -11.41 -6.18 2.73
C ALA A 119 -11.91 -5.64 1.40
N GLN A 120 -11.16 -4.74 0.79
CA GLN A 120 -11.56 -4.19 -0.50
C GLN A 120 -11.52 -5.26 -1.59
N GLY A 121 -10.46 -6.06 -1.61
CA GLY A 121 -10.38 -7.15 -2.57
C GLY A 121 -11.49 -8.18 -2.36
N ALA A 122 -11.71 -8.57 -1.11
CA ALA A 122 -12.77 -9.53 -0.81
C ALA A 122 -14.15 -8.94 -1.11
N GLY A 123 -14.34 -7.67 -0.77
CA GLY A 123 -15.63 -7.04 -1.00
C GLY A 123 -15.98 -6.98 -2.48
N TYR A 124 -14.98 -6.74 -3.32
CA TYR A 124 -15.23 -6.71 -4.75
C TYR A 124 -15.66 -8.08 -5.24
N ILE A 125 -14.98 -9.13 -4.78
CA ILE A 125 -15.38 -10.50 -5.09
C ILE A 125 -16.82 -10.75 -4.65
N VAL A 126 -17.16 -10.34 -3.43
CA VAL A 126 -18.52 -10.54 -2.92
C VAL A 126 -19.54 -9.86 -3.83
N GLN A 127 -19.27 -8.61 -4.25
CA GLN A 127 -20.19 -7.94 -5.16
C GLN A 127 -20.31 -8.68 -6.48
N LYS A 128 -19.16 -9.08 -7.05
CA LYS A 128 -19.14 -9.75 -8.35
C LYS A 128 -19.87 -11.08 -8.33
N LEU A 129 -19.85 -11.81 -7.21
CA LEU A 129 -20.50 -13.10 -7.16
C LEU A 129 -22.01 -13.00 -6.94
N GLY A 130 -22.51 -11.82 -6.59
CA GLY A 130 -23.92 -11.50 -6.50
C GLY A 130 -24.69 -12.38 -5.53
N ALA A 131 -25.96 -12.58 -5.84
CA ALA A 131 -26.85 -13.27 -4.93
C ALA A 131 -26.48 -14.73 -4.73
N GLN A 132 -25.93 -15.39 -5.76
CA GLN A 132 -25.61 -16.82 -5.59
C GLN A 132 -24.41 -17.04 -4.66
N GLY A 133 -23.55 -16.05 -4.45
CA GLY A 133 -22.41 -16.30 -3.60
C GLY A 133 -21.49 -17.36 -4.21
N GLY A 134 -20.85 -18.13 -3.34
CA GLY A 134 -20.05 -19.25 -3.80
C GLY A 134 -18.80 -19.43 -2.96
N GLU A 135 -17.96 -20.36 -3.38
CA GLU A 135 -16.74 -20.69 -2.67
C GLU A 135 -15.61 -19.76 -3.09
N VAL A 136 -14.80 -19.34 -2.12
CA VAL A 136 -13.69 -18.45 -2.37
C VAL A 136 -12.45 -18.94 -1.61
N ALA A 137 -11.30 -18.39 -1.99
CA ALA A 137 -10.07 -18.76 -1.32
C ALA A 137 -9.20 -17.52 -1.20
N ILE A 138 -8.28 -17.55 -0.24
CA ILE A 138 -7.24 -16.53 -0.10
C ILE A 138 -5.89 -17.19 -0.32
N ILE A 139 -5.09 -16.61 -1.19
CA ILE A 139 -3.69 -16.98 -1.32
C ILE A 139 -2.89 -15.95 -0.54
N GLU A 140 -2.27 -16.40 0.55
CA GLU A 140 -1.63 -15.54 1.52
C GLU A 140 -0.17 -15.32 1.16
N GLY A 141 0.42 -14.27 1.74
CA GLY A 141 1.86 -14.08 1.68
C GLY A 141 2.58 -14.99 2.66
N GLU A 142 3.82 -14.62 2.99
CA GLU A 142 4.55 -15.33 4.04
C GLU A 142 3.85 -15.16 5.37
N ALA A 143 3.60 -16.27 6.06
CA ALA A 143 2.87 -16.20 7.33
C ALA A 143 3.63 -15.31 8.32
N GLY A 144 2.88 -14.47 9.02
CA GLY A 144 3.45 -13.55 10.01
C GLY A 144 3.86 -12.21 9.45
N ASN A 145 3.91 -12.05 8.14
CA ASN A 145 4.23 -10.76 7.54
C ASN A 145 3.14 -9.75 7.87
N ALA A 146 3.54 -8.57 8.38
CA ALA A 146 2.56 -7.61 8.88
C ALA A 146 1.53 -7.24 7.83
N SER A 147 2.01 -6.85 6.64
CA SER A 147 1.10 -6.45 5.57
C SER A 147 0.25 -7.62 5.10
N GLY A 148 0.90 -8.78 4.88
CA GLY A 148 0.17 -9.94 4.40
C GLY A 148 -0.88 -10.42 5.39
N GLU A 149 -0.56 -10.42 6.68
CA GLU A 149 -1.52 -10.85 7.69
C GLU A 149 -2.68 -9.89 7.78
N ALA A 150 -2.40 -8.58 7.64
CA ALA A 150 -3.49 -7.61 7.64
C ALA A 150 -4.40 -7.83 6.43
N ARG A 151 -3.82 -8.07 5.24
CA ARG A 151 -4.65 -8.33 4.06
C ARG A 151 -5.46 -9.60 4.24
N ARG A 152 -4.82 -10.66 4.72
CA ARG A 152 -5.54 -11.89 5.01
C ARG A 152 -6.69 -11.64 5.97
N THR A 153 -6.41 -10.92 7.06
CA THR A 153 -7.45 -10.64 8.05
C THR A 153 -8.62 -9.87 7.42
N GLY A 154 -8.29 -8.83 6.66
CA GLY A 154 -9.34 -7.98 6.12
C GLY A 154 -10.20 -8.72 5.11
N ALA A 155 -9.57 -9.55 4.28
CA ALA A 155 -10.33 -10.35 3.32
C ALA A 155 -11.17 -11.39 4.03
N THR A 156 -10.58 -12.10 4.99
CA THR A 156 -11.31 -13.12 5.75
C THR A 156 -12.50 -12.51 6.46
N ASP A 157 -12.30 -11.38 7.13
CA ASP A 157 -13.39 -10.74 7.82
C ASP A 157 -14.47 -10.27 6.86
N GLN A 158 -14.06 -9.76 5.69
CA GLN A 158 -15.06 -9.29 4.74
C GLN A 158 -15.87 -10.45 4.18
N PHE A 159 -15.18 -11.53 3.79
CA PHE A 159 -15.89 -12.73 3.34
C PHE A 159 -16.85 -13.25 4.39
N ALA A 160 -16.45 -13.15 5.67
CA ALA A 160 -17.26 -13.72 6.73
C ALA A 160 -18.57 -12.97 6.91
N LYS A 161 -18.65 -11.73 6.41
CA LYS A 161 -19.90 -10.95 6.50
C LYS A 161 -20.95 -11.44 5.52
N ALA A 162 -20.58 -12.19 4.49
CA ALA A 162 -21.51 -12.64 3.47
C ALA A 162 -21.82 -14.11 3.74
N SER A 163 -23.08 -14.39 4.09
CA SER A 163 -23.40 -15.73 4.56
C SER A 163 -23.31 -16.78 3.45
N ASN A 164 -23.46 -16.39 2.18
CA ASN A 164 -23.42 -17.35 1.09
C ASN A 164 -22.07 -17.38 0.40
N ILE A 165 -21.05 -16.83 1.05
CA ILE A 165 -19.66 -16.91 0.61
C ILE A 165 -18.97 -17.84 1.58
N LYS A 166 -18.37 -18.91 1.05
CA LYS A 166 -17.67 -19.90 1.87
C LYS A 166 -16.18 -19.83 1.55
N LEU A 167 -15.39 -19.53 2.57
CA LEU A 167 -13.93 -19.50 2.44
C LEU A 167 -13.42 -20.92 2.56
N VAL A 168 -13.10 -21.55 1.42
CA VAL A 168 -12.73 -22.96 1.46
C VAL A 168 -11.24 -23.17 1.63
N ALA A 169 -10.43 -22.12 1.49
CA ALA A 169 -8.99 -22.27 1.63
C ALA A 169 -8.39 -20.91 1.91
N SER A 170 -7.39 -20.90 2.78
CA SER A 170 -6.60 -19.69 3.01
C SER A 170 -5.19 -20.22 3.27
N GLN A 171 -4.30 -20.05 2.27
CA GLN A 171 -3.03 -20.76 2.27
C GLN A 171 -1.88 -19.86 1.84
N PRO A 172 -0.71 -20.02 2.45
CA PRO A 172 0.42 -19.17 2.08
C PRO A 172 1.09 -19.64 0.80
N ALA A 173 1.45 -18.67 -0.03
CA ALA A 173 2.32 -18.91 -1.16
C ALA A 173 3.58 -18.04 -1.11
N ASP A 174 3.83 -17.40 0.04
CA ASP A 174 5.12 -16.83 0.41
C ASP A 174 5.63 -15.79 -0.59
N TRP A 175 4.70 -15.04 -1.18
CA TRP A 175 5.00 -13.97 -2.13
C TRP A 175 5.67 -14.49 -3.41
N ASP A 176 5.48 -15.77 -3.71
CA ASP A 176 6.20 -16.44 -4.79
C ASP A 176 5.23 -16.84 -5.88
N ARG A 177 5.51 -16.43 -7.12
CA ARG A 177 4.60 -16.68 -8.22
C ARG A 177 4.45 -18.17 -8.51
N THR A 178 5.57 -18.90 -8.50
CA THR A 178 5.52 -20.33 -8.78
C THR A 178 4.76 -21.07 -7.68
N LYS A 179 5.06 -20.76 -6.42
CA LYS A 179 4.36 -21.39 -5.32
C LYS A 179 2.88 -21.07 -5.35
N ALA A 180 2.52 -19.82 -5.71
CA ALA A 180 1.10 -19.46 -5.80
C ALA A 180 0.39 -20.24 -6.88
N LYS A 181 1.07 -20.47 -8.01
CA LYS A 181 0.49 -21.33 -9.04
C LYS A 181 0.21 -22.73 -8.48
N GLN A 182 1.18 -23.31 -7.77
CA GLN A 182 1.00 -24.64 -7.20
C GLN A 182 -0.13 -24.66 -6.19
N VAL A 183 -0.15 -23.68 -5.27
CA VAL A 183 -1.18 -23.65 -4.24
C VAL A 183 -2.57 -23.49 -4.87
N ALA A 184 -2.68 -22.61 -5.88
CA ALA A 184 -3.98 -22.42 -6.53
C ALA A 184 -4.44 -23.69 -7.24
N THR A 185 -3.50 -24.41 -7.86
CA THR A 185 -3.84 -25.69 -8.46
C THR A 185 -4.37 -26.66 -7.42
N GLU A 186 -3.73 -26.70 -6.24
CA GLU A 186 -4.19 -27.57 -5.17
C GLU A 186 -5.61 -27.20 -4.74
N ILE A 187 -5.87 -25.90 -4.60
CA ILE A 187 -7.21 -25.45 -4.22
C ILE A 187 -8.21 -25.77 -5.32
N LEU A 188 -7.82 -25.60 -6.58
CA LEU A 188 -8.72 -25.91 -7.70
C LEU A 188 -9.05 -27.40 -7.76
N ALA A 189 -8.07 -28.24 -7.44
CA ALA A 189 -8.33 -29.69 -7.42
C ALA A 189 -9.24 -30.08 -6.27
N LYS A 190 -9.04 -29.48 -5.10
CA LYS A 190 -9.85 -29.82 -3.94
C LYS A 190 -11.23 -29.18 -3.99
N ASN A 191 -11.35 -28.01 -4.62
CA ASN A 191 -12.61 -27.27 -4.65
C ASN A 191 -12.91 -26.87 -6.09
N PRO A 192 -13.33 -27.82 -6.93
CA PRO A 192 -13.60 -27.48 -8.34
C PRO A 192 -14.72 -26.46 -8.54
N ASN A 193 -15.56 -26.25 -7.55
CA ASN A 193 -16.61 -25.23 -7.68
C ASN A 193 -16.16 -23.87 -7.19
N ILE A 194 -14.87 -23.68 -6.94
CA ILE A 194 -14.42 -22.39 -6.44
C ILE A 194 -14.70 -21.30 -7.46
N LYS A 195 -15.14 -20.13 -6.98
CA LYS A 195 -15.53 -19.05 -7.86
C LYS A 195 -14.58 -17.86 -7.83
N ALA A 196 -13.76 -17.72 -6.80
CA ALA A 196 -12.93 -16.53 -6.74
C ALA A 196 -11.76 -16.77 -5.79
N ILE A 197 -10.65 -16.10 -6.07
CA ILE A 197 -9.44 -16.21 -5.25
C ILE A 197 -8.88 -14.81 -5.05
N TYR A 198 -8.79 -14.38 -3.80
CA TYR A 198 -8.12 -13.14 -3.47
C TYR A 198 -6.68 -13.45 -3.10
N CYS A 199 -5.75 -12.65 -3.63
CA CYS A 199 -4.32 -12.89 -3.47
C CYS A 199 -3.67 -11.69 -2.82
N ALA A 200 -2.84 -11.96 -1.80
CA ALA A 200 -2.30 -10.86 -0.99
C ALA A 200 -1.25 -10.04 -1.72
N ASN A 201 -0.74 -10.49 -2.88
CA ASN A 201 -0.06 -9.56 -3.77
C ASN A 201 -0.21 -10.02 -5.21
N ASP A 202 0.22 -9.16 -6.13
CA ASP A 202 0.05 -9.39 -7.56
C ASP A 202 0.97 -10.48 -8.09
N THR A 203 2.20 -10.55 -7.58
CA THR A 203 3.10 -11.59 -8.02
C THR A 203 2.46 -12.96 -7.83
N MET A 204 1.82 -13.16 -6.68
CA MET A 204 1.10 -14.41 -6.44
C MET A 204 -0.14 -14.51 -7.30
N ALA A 205 -0.90 -13.42 -7.42
CA ALA A 205 -2.09 -13.45 -8.27
C ALA A 205 -1.76 -13.82 -9.71
N LEU A 206 -0.60 -13.40 -10.22
CA LEU A 206 -0.23 -13.77 -11.58
C LEU A 206 0.03 -15.26 -11.70
N GLY A 207 0.60 -15.88 -10.67
CA GLY A 207 0.73 -17.33 -10.67
C GLY A 207 -0.61 -18.02 -10.50
N VAL A 208 -1.50 -17.45 -9.70
CA VAL A 208 -2.85 -18.00 -9.59
C VAL A 208 -3.54 -17.95 -10.93
N ALA A 209 -3.39 -16.83 -11.65
CA ALA A 209 -3.99 -16.73 -12.98
C ALA A 209 -3.43 -17.81 -13.92
N ASP A 210 -2.14 -18.10 -13.80
CA ASP A 210 -1.55 -19.17 -14.60
C ASP A 210 -2.17 -20.52 -14.25
N ALA A 211 -2.38 -20.79 -12.96
CA ALA A 211 -3.02 -22.04 -12.56
C ALA A 211 -4.44 -22.13 -13.10
N VAL A 212 -5.17 -21.02 -13.01
CA VAL A 212 -6.55 -20.98 -13.50
C VAL A 212 -6.59 -21.22 -15.00
N ALA A 213 -5.63 -20.63 -15.73
CA ALA A 213 -5.54 -20.86 -17.16
C ALA A 213 -5.23 -22.32 -17.47
N ASP A 214 -4.25 -22.90 -16.76
CA ASP A 214 -3.92 -24.31 -16.98
C ASP A 214 -5.12 -25.21 -16.74
N ALA A 215 -5.94 -24.89 -15.75
CA ALA A 215 -7.15 -25.64 -15.46
C ALA A 215 -8.29 -25.34 -16.43
N GLY A 216 -8.08 -24.47 -17.41
CA GLY A 216 -9.13 -24.14 -18.37
C GLY A 216 -10.25 -23.30 -17.77
N LYS A 217 -9.94 -22.46 -16.78
CA LYS A 217 -10.98 -21.78 -16.02
C LYS A 217 -10.84 -20.27 -16.05
N THR A 218 -10.04 -19.72 -16.97
CA THR A 218 -9.93 -18.26 -17.08
C THR A 218 -11.31 -17.65 -17.31
N GLY A 219 -11.64 -16.65 -16.49
CA GLY A 219 -12.96 -16.06 -16.54
C GLY A 219 -13.99 -16.74 -15.68
N LYS A 220 -13.79 -18.03 -15.36
CA LYS A 220 -14.74 -18.75 -14.52
C LYS A 220 -14.38 -18.69 -13.05
N VAL A 221 -13.12 -18.39 -12.73
CA VAL A 221 -12.68 -18.16 -11.36
C VAL A 221 -12.14 -16.74 -11.33
N LEU A 222 -12.74 -15.90 -10.48
CA LEU A 222 -12.22 -14.55 -10.34
C LEU A 222 -10.85 -14.63 -9.67
N VAL A 223 -9.94 -13.77 -10.11
CA VAL A 223 -8.61 -13.68 -9.52
C VAL A 223 -8.38 -12.21 -9.21
N VAL A 224 -8.20 -11.88 -7.93
CA VAL A 224 -8.00 -10.50 -7.50
C VAL A 224 -6.66 -10.45 -6.81
N GLY A 225 -5.80 -9.53 -7.26
CA GLY A 225 -4.49 -9.34 -6.69
C GLY A 225 -4.45 -8.11 -5.80
N THR A 226 -3.22 -7.76 -5.40
CA THR A 226 -2.99 -6.61 -4.54
C THR A 226 -1.67 -5.97 -4.94
N ASP A 227 -1.69 -4.64 -5.16
CA ASP A 227 -0.56 -3.71 -5.32
C ASP A 227 -0.66 -2.93 -6.62
N GLY A 228 -1.33 -3.51 -7.61
CA GLY A 228 -1.42 -2.87 -8.91
C GLY A 228 -0.12 -2.73 -9.67
N ILE A 229 0.73 -3.76 -9.63
CA ILE A 229 2.00 -3.71 -10.36
C ILE A 229 1.67 -3.75 -11.85
N PRO A 230 2.56 -3.25 -12.73
CA PRO A 230 2.20 -3.15 -14.15
C PRO A 230 1.74 -4.45 -14.79
N GLU A 231 2.39 -5.58 -14.51
CA GLU A 231 1.97 -6.83 -15.13
C GLU A 231 0.57 -7.24 -14.69
N ALA A 232 0.20 -6.93 -13.44
CA ALA A 232 -1.17 -7.20 -13.00
C ALA A 232 -2.16 -6.25 -13.67
N GLN A 233 -1.79 -4.97 -13.81
CA GLN A 233 -2.63 -4.05 -14.56
C GLN A 233 -2.85 -4.55 -15.98
N GLU A 234 -1.79 -5.03 -16.62
CA GLU A 234 -1.90 -5.59 -17.97
C GLU A 234 -2.77 -6.84 -17.94
N ALA A 235 -2.60 -7.70 -16.94
CA ALA A 235 -3.42 -8.90 -16.83
C ALA A 235 -4.90 -8.55 -16.65
N VAL A 236 -5.19 -7.51 -15.86
CA VAL A 236 -6.58 -7.09 -15.69
C VAL A 236 -7.16 -6.63 -17.02
N LYS A 237 -6.42 -5.81 -17.78
CA LYS A 237 -6.92 -5.36 -19.07
C LYS A 237 -7.15 -6.53 -20.02
N ALA A 238 -6.26 -7.53 -19.98
CA ALA A 238 -6.39 -8.70 -20.85
C ALA A 238 -7.42 -9.72 -20.35
N GLY A 239 -8.06 -9.48 -19.21
CA GLY A 239 -8.98 -10.47 -18.67
C GLY A 239 -8.31 -11.67 -18.04
N LYS A 240 -6.98 -11.62 -17.83
CA LYS A 240 -6.27 -12.70 -17.17
C LYS A 240 -6.39 -12.59 -15.65
N MET A 241 -6.62 -11.38 -15.13
CA MET A 241 -7.02 -11.19 -13.74
C MET A 241 -8.32 -10.39 -13.71
N THR A 242 -9.07 -10.53 -12.62
CA THR A 242 -10.31 -9.79 -12.49
C THR A 242 -10.06 -8.37 -12.03
N ALA A 243 -9.18 -8.20 -11.06
CA ALA A 243 -8.94 -6.88 -10.50
C ALA A 243 -7.65 -6.95 -9.69
N THR A 244 -7.18 -5.78 -9.29
CA THR A 244 -6.13 -5.73 -8.28
C THR A 244 -6.35 -4.49 -7.43
N VAL A 245 -6.01 -4.60 -6.15
CA VAL A 245 -6.23 -3.55 -5.18
C VAL A 245 -4.94 -2.75 -5.09
N ALA A 246 -4.98 -1.48 -5.53
CA ALA A 246 -3.78 -0.66 -5.64
C ALA A 246 -3.84 0.46 -4.63
N GLN A 247 -2.69 0.75 -4.01
CA GLN A 247 -2.58 1.96 -3.21
C GLN A 247 -2.79 3.17 -4.10
N ASN A 248 -3.08 4.31 -3.45
CA ASN A 248 -3.26 5.59 -4.14
C ASN A 248 -2.15 6.51 -3.65
N PRO A 249 -0.92 6.35 -4.16
CA PRO A 249 0.19 7.21 -3.69
C PRO A 249 -0.05 8.70 -3.96
N ALA A 250 -0.71 9.05 -5.05
CA ALA A 250 -1.02 10.45 -5.30
C ALA A 250 -1.84 11.03 -4.16
N ALA A 251 -2.85 10.29 -3.68
CA ALA A 251 -3.68 10.80 -2.59
C ALA A 251 -2.92 10.80 -1.28
N ILE A 252 -2.02 9.83 -1.07
CA ILE A 252 -1.19 9.84 0.14
C ILE A 252 -0.35 11.11 0.20
N GLY A 253 0.32 11.43 -0.92
CA GLY A 253 1.14 12.63 -0.94
C GLY A 253 0.32 13.91 -0.84
N ALA A 254 -0.78 13.96 -1.58
CA ALA A 254 -1.65 15.14 -1.52
C ALA A 254 -2.16 15.34 -0.10
N THR A 255 -2.58 14.26 0.56
CA THR A 255 -3.09 14.35 1.93
C THR A 255 -1.98 14.82 2.86
N GLY A 256 -0.79 14.27 2.71
CA GLY A 256 0.34 14.71 3.51
C GLY A 256 0.58 16.20 3.38
N LEU A 257 0.58 16.72 2.15
CA LEU A 257 0.78 18.15 1.97
C LEU A 257 -0.35 18.95 2.61
N LYS A 258 -1.60 18.51 2.40
CA LYS A 258 -2.73 19.25 2.96
C LYS A 258 -2.65 19.32 4.49
N LEU A 259 -2.24 18.23 5.14
CA LEU A 259 -2.08 18.26 6.59
C LEU A 259 -1.05 19.31 7.02
N MET A 260 0.06 19.39 6.30
CA MET A 260 1.09 20.38 6.61
C MET A 260 0.58 21.81 6.38
N VAL A 261 -0.12 22.03 5.26
CA VAL A 261 -0.64 23.37 4.98
C VAL A 261 -1.66 23.77 6.03
N ASP A 262 -2.53 22.83 6.40
CA ASP A 262 -3.58 23.13 7.37
C ASP A 262 -3.00 23.38 8.76
N ALA A 263 -1.87 22.74 9.07
CA ALA A 263 -1.22 23.01 10.35
C ALA A 263 -0.69 24.43 10.44
N GLU A 264 -0.30 25.02 9.31
CA GLU A 264 0.27 26.36 9.32
C GLU A 264 -0.77 27.46 9.41
N LYS A 265 -2.01 27.20 9.01
CA LYS A 265 -3.06 28.22 9.04
C LYS A 265 -3.59 28.45 10.46
N LYS A 274 1.67 14.20 22.54
CA LYS A 274 0.36 14.02 21.91
C LYS A 274 0.44 13.00 20.76
N ALA A 275 -0.55 12.14 20.68
CA ALA A 275 -0.57 11.11 19.64
C ALA A 275 -0.72 11.76 18.26
N PRO A 276 0.00 11.27 17.26
CA PRO A 276 -0.14 11.83 15.91
C PRO A 276 -1.51 11.54 15.34
N GLN A 277 -1.96 12.43 14.46
CA GLN A 277 -3.13 12.15 13.66
C GLN A 277 -2.83 10.99 12.72
N TYR A 278 -3.76 10.03 12.66
N TYR A 278 -3.71 9.99 12.70
CA TYR A 278 -3.65 8.81 11.86
CA TYR A 278 -3.58 8.84 11.82
C TYR A 278 -4.63 8.95 10.70
C TYR A 278 -4.60 8.97 10.71
N VAL A 279 -4.12 9.10 9.48
CA VAL A 279 -4.97 9.26 8.30
C VAL A 279 -4.78 8.05 7.40
N LEU A 280 -5.88 7.37 7.09
CA LEU A 280 -5.85 6.22 6.21
C LEU A 280 -6.37 6.64 4.85
N VAL A 281 -5.65 6.28 3.80
CA VAL A 281 -6.03 6.59 2.44
C VAL A 281 -6.51 5.30 1.79
N ALA A 282 -7.72 5.32 1.24
CA ALA A 282 -8.29 4.10 0.69
C ALA A 282 -7.50 3.67 -0.54
N SER A 283 -7.41 2.34 -0.72
CA SER A 283 -6.87 1.81 -1.95
C SER A 283 -7.92 1.94 -3.07
N LYS A 284 -7.46 1.79 -4.30
CA LYS A 284 -8.30 1.86 -5.48
C LYS A 284 -8.37 0.48 -6.12
N LEU A 285 -9.57 0.10 -6.54
CA LEU A 285 -9.73 -1.13 -7.31
C LEU A 285 -9.36 -0.87 -8.77
N VAL A 286 -8.43 -1.66 -9.30
CA VAL A 286 -8.12 -1.62 -10.72
C VAL A 286 -8.92 -2.72 -11.39
N THR A 287 -9.82 -2.35 -12.30
CA THR A 287 -10.69 -3.30 -12.99
C THR A 287 -10.62 -3.04 -14.50
N ALA A 288 -11.31 -3.88 -15.25
CA ALA A 288 -11.52 -3.62 -16.67
C ALA A 288 -12.81 -2.82 -16.88
C1 CIT B . 3.76 -7.23 -1.55
O1 CIT B . 2.72 -6.52 -1.57
O2 CIT B . 4.47 -7.53 -2.53
C2 CIT B . 4.22 -7.80 -0.19
C3 CIT B . 5.11 -6.84 0.62
O7 CIT B . 6.38 -6.70 0.01
C4 CIT B . 5.21 -7.28 2.10
C5 CIT B . 6.01 -6.32 3.03
O3 CIT B . 6.22 -5.16 2.66
O4 CIT B . 6.40 -6.79 4.13
C6 CIT B . 4.44 -5.46 0.50
O5 CIT B . 3.44 -5.22 1.21
O6 CIT B . 5.04 -4.73 -0.33
C1 CIT C . 6.63 0.71 -4.28
O1 CIT C . 7.87 0.66 -4.49
O2 CIT C . 5.72 0.35 -5.06
C2 CIT C . 6.18 1.26 -2.90
C3 CIT C . 7.07 0.86 -1.71
O7 CIT C . 8.28 1.59 -1.75
C4 CIT C . 6.34 1.18 -0.38
C5 CIT C . 4.84 0.86 -0.49
O3 CIT C . 4.47 -0.25 -0.90
O4 CIT C . 4.06 1.78 -0.13
C6 CIT C . 7.34 -0.67 -1.79
O5 CIT C . 6.43 -1.42 -2.23
O6 CIT C . 8.49 -1.02 -1.43
#